data_6NSL
#
_entry.id   6NSL
#
_cell.length_a   70.015
_cell.length_b   65.654
_cell.length_c   74.680
_cell.angle_alpha   90.000
_cell.angle_beta   112.700
_cell.angle_gamma   90.000
#
_symmetry.space_group_name_H-M   'P 1 21 1'
#
loop_
_entity.id
_entity.type
_entity.pdbx_description
1 polymer 'Non-receptor tyrosine-protein kinase TYK2'
2 non-polymer 6-{[1-(4-cyanophenyl)-2-oxo-1,2-dihydropyridin-3-yl]amino}-N-cyclopropyl-8-(methylamino)imidazo[1,2-b]pyridazine-3-carboxamide
3 non-polymer 'SULFATE ION'
4 water water
#
_entity_poly.entity_id   1
_entity_poly.type   'polypeptide(L)'
_entity_poly.pdbx_seq_one_letter_code
;MGSSHHHHHHSSGETVRFQGHMNLSQLSFHRVDQKEITQLSHLGQGTRTNVYEGRLRVEGSGDPEEGKMDDEDPLVPGRD
RGQELRVVLKVLDPSHHDIALAFYETASLMSQVSHTHLAFVHGVCVRGPENIMVTEYVEHGPLDVWLRRERGHVPMAWKM
VVAQQLASALSYLENKNLVHGNVCGRNILLARLGLAEGTSPFIKLSDPGVGLGALSREERVERIPWLAPECLPGGANSLS
TAMDKWGFGATLLEICFDGEAPLQSRSPSEKEHFYQRQHRLPEPSCPQLATLTSQCLTYEPTQRPSFRTILRDLTRL
;
_entity_poly.pdbx_strand_id   A,B
#
loop_
_chem_comp.id
_chem_comp.type
_chem_comp.name
_chem_comp.formula
KZJ non-polymer 6-{[1-(4-cyanophenyl)-2-oxo-1,2-dihydropyridin-3-yl]amino}-N-cyclopropyl-8-(methylamino)imidazo[1,2-b]pyridazine-3-carboxamide 'C23 H20 N8 O2'
SO4 non-polymer 'SULFATE ION' 'O4 S -2'
#
# COMPACT_ATOMS: atom_id res chain seq x y z
N PHE A 29 12.36 16.75 -21.95
CA PHE A 29 11.74 15.45 -21.70
C PHE A 29 12.20 14.36 -22.64
N HIS A 30 12.14 13.08 -22.16
CA HIS A 30 12.48 11.89 -22.90
C HIS A 30 11.37 11.52 -23.88
N ARG A 31 11.75 11.10 -25.11
CA ARG A 31 10.79 10.67 -26.13
C ARG A 31 10.65 9.19 -25.96
N VAL A 32 9.41 8.73 -25.86
CA VAL A 32 9.08 7.33 -25.67
C VAL A 32 8.46 6.85 -26.98
N ASP A 33 8.91 5.71 -27.50
CA ASP A 33 8.36 5.12 -28.71
C ASP A 33 7.12 4.33 -28.31
N GLN A 34 6.07 4.30 -29.17
CA GLN A 34 4.82 3.55 -28.89
C GLN A 34 5.05 2.05 -28.73
N LYS A 35 6.14 1.52 -29.30
CA LYS A 35 6.52 0.10 -29.16
C LYS A 35 6.99 -0.21 -27.73
N GLU A 36 7.43 0.82 -26.97
CA GLU A 36 7.91 0.64 -25.60
C GLU A 36 6.78 0.68 -24.53
N ILE A 37 5.53 1.02 -24.92
CA ILE A 37 4.43 1.15 -23.97
C ILE A 37 3.24 0.22 -24.25
N THR A 38 2.60 -0.23 -23.16
CA THR A 38 1.42 -1.08 -23.16
C THR A 38 0.32 -0.37 -22.36
N GLN A 39 -0.87 -0.20 -22.96
CA GLN A 39 -2.04 0.45 -22.38
C GLN A 39 -3.03 -0.56 -21.86
N LEU A 40 -3.29 -0.49 -20.53
CA LEU A 40 -4.18 -1.39 -19.81
C LEU A 40 -5.48 -0.69 -19.34
N SER A 41 -5.97 -0.98 -18.10
CA SER A 41 -7.23 -0.42 -17.60
C SER A 41 -7.26 1.09 -17.46
N HIS A 42 -8.43 1.65 -17.77
CA HIS A 42 -8.78 3.06 -17.61
C HIS A 42 -8.85 3.34 -16.10
N LEU A 43 -8.15 4.37 -15.64
CA LEU A 43 -8.13 4.72 -14.21
C LEU A 43 -9.05 5.88 -13.91
N GLY A 44 -9.25 6.75 -14.89
CA GLY A 44 -10.08 7.94 -14.76
C GLY A 44 -9.73 8.96 -15.82
N GLN A 45 -10.26 10.16 -15.67
CA GLN A 45 -10.06 11.25 -16.62
C GLN A 45 -9.36 12.41 -15.95
N GLY A 46 -8.57 13.13 -16.73
CA GLY A 46 -7.91 14.37 -16.32
C GLY A 46 -8.49 15.46 -17.21
N THR A 47 -7.98 16.70 -17.10
CA THR A 47 -8.44 17.77 -17.97
C THR A 47 -7.87 17.45 -19.37
N ARG A 48 -8.79 17.17 -20.36
CA ARG A 48 -8.49 16.84 -21.76
C ARG A 48 -7.68 15.55 -21.90
N THR A 49 -7.74 14.69 -20.88
CA THR A 49 -7.00 13.44 -20.89
C THR A 49 -7.79 12.26 -20.32
N ASN A 50 -7.29 11.07 -20.65
CA ASN A 50 -7.74 9.81 -20.11
C ASN A 50 -6.50 9.19 -19.50
N VAL A 51 -6.64 8.76 -18.26
CA VAL A 51 -5.56 8.18 -17.46
C VAL A 51 -5.75 6.66 -17.46
N TYR A 52 -4.71 5.93 -17.85
CA TYR A 52 -4.70 4.46 -17.89
C TYR A 52 -3.53 3.93 -17.12
N GLU A 53 -3.69 2.70 -16.63
CA GLU A 53 -2.58 1.93 -16.09
C GLU A 53 -1.83 1.45 -17.36
N GLY A 54 -0.51 1.26 -17.25
CA GLY A 54 0.25 0.74 -18.37
C GLY A 54 1.55 0.07 -17.97
N ARG A 55 2.34 -0.31 -19.00
CA ARG A 55 3.65 -0.92 -18.82
C ARG A 55 4.62 -0.22 -19.75
N LEU A 56 5.83 0.01 -19.24
CA LEU A 56 6.92 0.64 -19.98
C LEU A 56 8.07 -0.37 -20.03
N ARG A 57 8.47 -0.80 -21.24
CA ARG A 57 9.54 -1.79 -21.47
C ARG A 57 10.93 -1.34 -21.04
N LEU A 85 8.29 -1.76 -16.39
CA LEU A 85 7.83 -0.95 -15.28
C LEU A 85 6.34 -0.69 -15.37
N ARG A 86 5.67 -0.72 -14.22
CA ARG A 86 4.26 -0.36 -14.14
C ARG A 86 4.27 1.19 -14.17
N VAL A 87 3.45 1.79 -15.03
CA VAL A 87 3.40 3.26 -15.19
C VAL A 87 1.95 3.69 -15.37
N VAL A 88 1.73 5.02 -15.46
CA VAL A 88 0.44 5.51 -15.89
C VAL A 88 0.60 6.21 -17.27
N LEU A 89 -0.44 6.17 -18.08
CA LEU A 89 -0.45 6.79 -19.39
C LEU A 89 -1.49 7.86 -19.41
N LYS A 90 -1.06 9.11 -19.62
CA LYS A 90 -1.98 10.24 -19.67
C LYS A 90 -2.14 10.60 -21.12
N VAL A 91 -3.25 10.10 -21.71
CA VAL A 91 -3.59 10.21 -23.11
C VAL A 91 -4.34 11.50 -23.40
N LEU A 92 -3.68 12.42 -24.13
CA LEU A 92 -4.28 13.68 -24.48
C LEU A 92 -5.36 13.44 -25.53
N ASP A 93 -6.48 14.14 -25.38
CA ASP A 93 -7.59 14.11 -26.32
C ASP A 93 -7.06 14.62 -27.68
N PRO A 94 -7.66 14.31 -28.86
CA PRO A 94 -7.19 14.98 -30.09
C PRO A 94 -7.26 16.49 -29.82
N SER A 95 -6.15 17.19 -30.04
CA SER A 95 -6.02 18.59 -29.65
C SER A 95 -5.36 19.47 -30.65
N HIS A 96 -5.61 20.76 -30.50
CA HIS A 96 -4.99 21.86 -31.19
C HIS A 96 -3.52 21.91 -30.66
N HIS A 97 -2.61 22.51 -31.45
CA HIS A 97 -1.20 22.70 -31.16
C HIS A 97 -0.93 23.47 -29.84
N ASP A 98 -1.77 24.47 -29.48
CA ASP A 98 -1.64 25.25 -28.21
C ASP A 98 -1.74 24.33 -26.99
N ILE A 99 -2.67 23.36 -27.02
CA ILE A 99 -2.91 22.37 -25.99
C ILE A 99 -1.75 21.40 -25.91
N ALA A 100 -1.33 20.84 -27.07
CA ALA A 100 -0.20 19.92 -27.14
C ALA A 100 1.05 20.58 -26.56
N LEU A 101 1.29 21.88 -26.88
CA LEU A 101 2.40 22.67 -26.37
C LEU A 101 2.36 22.85 -24.85
N ALA A 102 1.18 23.10 -24.31
CA ALA A 102 0.95 23.24 -22.85
C ALA A 102 1.18 21.90 -22.15
N PHE A 103 0.87 20.76 -22.85
CA PHE A 103 1.11 19.41 -22.35
C PHE A 103 2.62 19.13 -22.34
N TYR A 104 3.35 19.50 -23.45
CA TYR A 104 4.82 19.34 -23.55
C TYR A 104 5.55 20.17 -22.50
N GLU A 105 5.07 21.41 -22.23
CA GLU A 105 5.65 22.29 -21.22
C GLU A 105 5.60 21.64 -19.81
N THR A 106 4.47 20.97 -19.48
CA THR A 106 4.30 20.23 -18.23
C THR A 106 5.29 19.06 -18.15
N ALA A 107 5.39 18.28 -19.23
CA ALA A 107 6.31 17.15 -19.24
C ALA A 107 7.76 17.62 -19.08
N SER A 108 8.10 18.78 -19.68
CA SER A 108 9.42 19.39 -19.62
C SER A 108 9.75 19.85 -18.22
N LEU A 109 8.83 20.57 -17.58
CA LEU A 109 8.94 21.05 -16.21
C LEU A 109 9.16 19.88 -15.21
N MET A 110 8.35 18.83 -15.33
CA MET A 110 8.40 17.66 -14.44
C MET A 110 9.62 16.77 -14.69
N SER A 111 10.19 16.80 -15.90
CA SER A 111 11.39 16.05 -16.25
C SER A 111 12.67 16.77 -15.73
N GLN A 112 12.57 18.09 -15.48
CA GLN A 112 13.69 18.93 -15.00
C GLN A 112 13.74 19.07 -13.48
N VAL A 113 12.79 18.46 -12.78
CA VAL A 113 12.71 18.55 -11.30
C VAL A 113 12.90 17.18 -10.70
N SER A 114 13.34 17.13 -9.45
CA SER A 114 13.50 15.90 -8.70
C SER A 114 13.25 16.18 -7.23
N HIS A 115 12.20 15.59 -6.69
CA HIS A 115 11.82 15.76 -5.29
C HIS A 115 11.05 14.53 -4.84
N THR A 116 11.34 14.12 -3.59
CA THR A 116 10.73 13.01 -2.81
C THR A 116 9.20 13.01 -2.96
N HIS A 117 8.57 14.21 -2.94
CA HIS A 117 7.12 14.31 -2.99
C HIS A 117 6.55 14.81 -4.31
N LEU A 118 7.31 14.64 -5.40
CA LEU A 118 6.88 14.98 -6.75
C LEU A 118 6.91 13.72 -7.58
N ALA A 119 5.80 13.44 -8.32
CA ALA A 119 5.70 12.26 -9.17
C ALA A 119 6.72 12.34 -10.34
N PHE A 120 7.31 11.19 -10.68
CA PHE A 120 8.26 11.05 -11.76
C PHE A 120 7.59 11.04 -13.15
N VAL A 121 8.22 11.70 -14.13
CA VAL A 121 7.73 11.71 -15.53
C VAL A 121 8.77 10.93 -16.34
N HIS A 122 8.36 9.80 -16.94
CA HIS A 122 9.22 8.93 -17.75
C HIS A 122 9.49 9.52 -19.14
N GLY A 123 8.51 10.23 -19.66
CA GLY A 123 8.60 10.87 -20.96
C GLY A 123 7.29 11.03 -21.66
N VAL A 124 7.37 11.34 -22.96
CA VAL A 124 6.23 11.59 -23.84
C VAL A 124 6.29 10.74 -25.10
N CYS A 125 5.19 10.10 -25.45
CA CYS A 125 5.05 9.37 -26.69
C CYS A 125 4.14 10.20 -27.60
N VAL A 126 4.62 10.54 -28.81
CA VAL A 126 3.78 11.33 -29.70
C VAL A 126 3.37 10.51 -30.95
N GLY A 128 0.88 10.40 -34.01
CA GLY A 128 -0.14 11.00 -34.86
C GLY A 128 -0.97 12.04 -34.12
N PRO A 129 -2.31 11.83 -33.96
CA PRO A 129 -3.12 12.81 -33.19
C PRO A 129 -3.07 12.53 -31.68
N GLU A 130 -2.21 11.54 -31.28
CA GLU A 130 -2.00 11.02 -29.93
C GLU A 130 -0.73 11.55 -29.25
N ASN A 131 -0.91 12.10 -28.04
CA ASN A 131 0.15 12.63 -27.15
C ASN A 131 -0.03 11.93 -25.81
N ILE A 132 0.99 11.14 -25.39
CA ILE A 132 0.89 10.37 -24.17
C ILE A 132 1.99 10.71 -23.17
N MET A 133 1.61 11.27 -22.00
CA MET A 133 2.61 11.52 -20.97
C MET A 133 2.70 10.22 -20.17
N VAL A 134 3.90 9.68 -20.07
CA VAL A 134 4.17 8.44 -19.36
C VAL A 134 4.69 8.86 -17.99
N THR A 135 3.89 8.63 -16.94
CA THR A 135 4.21 9.10 -15.60
C THR A 135 4.17 7.98 -14.54
N GLU A 136 4.61 8.33 -13.32
CA GLU A 136 4.69 7.41 -12.19
C GLU A 136 3.35 6.82 -11.75
N TYR A 137 3.30 5.46 -11.63
CA TYR A 137 2.16 4.71 -11.10
C TYR A 137 2.34 4.76 -9.58
N VAL A 138 1.39 5.33 -8.88
CA VAL A 138 1.46 5.50 -7.43
C VAL A 138 0.39 4.60 -6.82
N GLU A 139 0.86 3.63 -6.00
CA GLU A 139 0.16 2.50 -5.40
C GLU A 139 -1.31 2.68 -5.05
N HIS A 140 -1.64 3.71 -4.25
CA HIS A 140 -3.00 3.87 -3.71
C HIS A 140 -3.85 4.96 -4.37
N GLY A 141 -3.38 5.51 -5.47
CA GLY A 141 -4.17 6.49 -6.20
C GLY A 141 -4.43 7.83 -5.52
N PRO A 142 -5.44 8.56 -6.04
CA PRO A 142 -5.71 9.95 -5.56
C PRO A 142 -6.14 10.12 -4.09
N LEU A 143 -5.61 11.16 -3.44
CA LEU A 143 -5.92 11.52 -2.06
C LEU A 143 -7.41 11.81 -1.83
N ASP A 144 -8.06 12.59 -2.74
CA ASP A 144 -9.47 12.98 -2.62
C ASP A 144 -10.38 11.75 -2.54
N VAL A 145 -10.14 10.78 -3.42
CA VAL A 145 -10.88 9.50 -3.47
C VAL A 145 -10.75 8.75 -2.14
N TRP A 146 -9.50 8.61 -1.66
CA TRP A 146 -9.20 7.94 -0.40
C TRP A 146 -9.85 8.64 0.80
N LEU A 147 -9.77 10.00 0.87
CA LEU A 147 -10.39 10.75 1.98
C LEU A 147 -11.90 10.54 2.07
N ARG A 148 -12.60 10.45 0.93
CA ARG A 148 -14.05 10.21 0.90
C ARG A 148 -14.39 8.81 1.39
N ARG A 149 -13.60 7.79 0.99
CA ARG A 149 -13.76 6.40 1.42
C ARG A 149 -13.52 6.27 2.95
N GLU A 150 -12.55 7.02 3.49
CA GLU A 150 -12.18 6.99 4.91
C GLU A 150 -12.81 8.12 5.76
N ARG A 151 -13.82 8.84 5.22
CA ARG A 151 -14.51 9.97 5.86
C ARG A 151 -14.92 9.69 7.32
N GLY A 152 -14.51 10.58 8.22
CA GLY A 152 -14.79 10.50 9.64
C GLY A 152 -13.77 9.67 10.41
N HIS A 153 -12.84 9.02 9.70
CA HIS A 153 -11.83 8.16 10.32
C HIS A 153 -10.39 8.56 9.95
N VAL A 154 -10.18 9.83 9.55
CA VAL A 154 -8.83 10.27 9.19
C VAL A 154 -8.32 11.18 10.30
N PRO A 155 -7.30 10.74 11.09
CA PRO A 155 -6.82 11.58 12.20
C PRO A 155 -6.12 12.85 11.76
N MET A 156 -6.16 13.87 12.63
CA MET A 156 -5.55 15.17 12.41
C MET A 156 -4.06 15.08 12.18
N ALA A 157 -3.35 14.21 12.94
CA ALA A 157 -1.90 14.00 12.82
C ALA A 157 -1.51 13.50 11.41
N TRP A 158 -2.37 12.63 10.80
CA TRP A 158 -2.20 12.10 9.43
C TRP A 158 -2.30 13.26 8.42
N LYS A 159 -3.29 14.13 8.59
CA LYS A 159 -3.54 15.30 7.74
C LYS A 159 -2.39 16.31 7.81
N MET A 160 -1.77 16.46 8.99
CA MET A 160 -0.63 17.33 9.22
C MET A 160 0.63 16.86 8.48
N VAL A 161 0.88 15.52 8.44
CA VAL A 161 2.00 14.91 7.71
C VAL A 161 1.85 15.23 6.20
N VAL A 162 0.65 14.98 5.63
CA VAL A 162 0.32 15.26 4.22
C VAL A 162 0.57 16.73 3.89
N ALA A 163 0.05 17.65 4.71
CA ALA A 163 0.20 19.10 4.54
C ALA A 163 1.67 19.52 4.48
N GLN A 164 2.51 18.95 5.39
CA GLN A 164 3.95 19.20 5.48
C GLN A 164 4.66 18.66 4.26
N GLN A 165 4.28 17.47 3.81
CA GLN A 165 4.91 16.86 2.65
C GLN A 165 4.56 17.64 1.39
N LEU A 166 3.31 18.13 1.30
CA LEU A 166 2.86 18.95 0.17
C LEU A 166 3.58 20.30 0.19
N ALA A 167 3.67 20.96 1.37
CA ALA A 167 4.38 22.25 1.51
C ALA A 167 5.86 22.12 1.15
N SER A 168 6.47 20.94 1.44
CA SER A 168 7.87 20.62 1.14
C SER A 168 8.10 20.60 -0.38
N ALA A 169 7.21 19.90 -1.14
CA ALA A 169 7.27 19.80 -2.59
C ALA A 169 7.08 21.18 -3.21
N LEU A 170 6.14 21.98 -2.66
CA LEU A 170 5.85 23.30 -3.21
C LEU A 170 6.93 24.35 -2.86
N SER A 171 7.61 24.19 -1.71
CA SER A 171 8.74 25.05 -1.29
C SER A 171 9.93 24.85 -2.25
N TYR A 172 10.20 23.60 -2.61
CA TYR A 172 11.25 23.21 -3.54
C TYR A 172 10.96 23.89 -4.90
N LEU A 173 9.69 23.81 -5.37
CA LEU A 173 9.25 24.43 -6.62
C LEU A 173 9.40 25.95 -6.55
N GLU A 174 8.98 26.56 -5.43
CA GLU A 174 9.06 28.01 -5.15
C GLU A 174 10.52 28.53 -5.20
N ASN A 175 11.47 27.78 -4.61
CA ASN A 175 12.89 28.12 -4.57
C ASN A 175 13.50 28.19 -5.96
N LYS A 176 12.96 27.38 -6.90
CA LYS A 176 13.37 27.32 -8.29
C LYS A 176 12.54 28.26 -9.17
N ASN A 177 11.63 29.06 -8.56
CA ASN A 177 10.71 29.97 -9.26
C ASN A 177 9.86 29.25 -10.33
N LEU A 178 9.32 28.08 -9.96
CA LEU A 178 8.51 27.23 -10.83
C LEU A 178 7.12 27.16 -10.30
N VAL A 179 6.13 27.13 -11.20
CA VAL A 179 4.70 27.06 -10.85
C VAL A 179 4.17 25.68 -11.22
N HIS A 180 3.45 25.05 -10.28
CA HIS A 180 2.76 23.78 -10.51
C HIS A 180 1.47 24.17 -11.27
N GLY A 181 0.61 24.98 -10.63
CA GLY A 181 -0.61 25.49 -11.26
C GLY A 181 -1.84 24.62 -11.17
N ASN A 182 -1.71 23.42 -10.55
CA ASN A 182 -2.84 22.51 -10.41
C ASN A 182 -2.78 21.70 -9.10
N VAL A 183 -2.63 22.41 -7.99
CA VAL A 183 -2.60 21.80 -6.65
C VAL A 183 -4.04 21.54 -6.19
N CYS A 184 -4.39 20.27 -5.99
CA CYS A 184 -5.68 19.81 -5.45
C CYS A 184 -5.48 18.38 -4.97
N GLY A 185 -6.42 17.87 -4.18
CA GLY A 185 -6.41 16.52 -3.64
C GLY A 185 -6.37 15.45 -4.69
N ARG A 186 -7.01 15.68 -5.85
CA ARG A 186 -7.01 14.74 -6.98
C ARG A 186 -5.60 14.49 -7.52
N ASN A 187 -4.76 15.53 -7.53
CA ASN A 187 -3.37 15.44 -8.01
C ASN A 187 -2.40 15.05 -6.92
N ILE A 188 -2.90 14.72 -5.76
CA ILE A 188 -2.02 14.23 -4.69
C ILE A 188 -2.22 12.73 -4.65
N LEU A 189 -1.16 11.99 -4.91
CA LEU A 189 -1.19 10.54 -4.98
C LEU A 189 -0.57 9.90 -3.74
N LEU A 190 -1.20 8.85 -3.20
CA LEU A 190 -0.71 8.17 -2.00
C LEU A 190 0.18 7.00 -2.33
N ALA A 191 1.52 7.14 -2.08
CA ALA A 191 2.49 6.03 -2.30
C ALA A 191 2.40 5.06 -1.13
N ARG A 192 2.15 5.60 0.08
CA ARG A 192 1.95 4.84 1.31
C ARG A 192 0.74 5.43 2.02
N LEU A 193 -0.09 4.55 2.60
CA LEU A 193 -1.28 4.98 3.33
C LEU A 193 -1.02 5.41 4.77
N GLY A 194 -0.05 4.82 5.46
CA GLY A 194 0.21 5.18 6.85
C GLY A 194 -0.95 4.88 7.77
N LEU A 195 -1.60 3.70 7.57
CA LEU A 195 -2.73 3.24 8.39
C LEU A 195 -2.21 2.39 9.55
N ALA A 196 -1.15 1.60 9.33
CA ALA A 196 -0.59 0.75 10.39
C ALA A 196 0.14 1.62 11.44
N GLU A 197 0.13 1.17 12.71
CA GLU A 197 0.76 1.89 13.83
C GLU A 197 2.27 1.98 13.64
N GLY A 198 2.82 3.17 13.83
CA GLY A 198 4.26 3.42 13.64
C GLY A 198 4.63 3.72 12.21
N THR A 199 3.62 3.93 11.33
CA THR A 199 3.81 4.30 9.94
C THR A 199 3.10 5.64 9.69
N SER A 200 3.51 6.35 8.65
CA SER A 200 2.88 7.61 8.29
C SER A 200 2.55 7.65 6.77
N PRO A 201 1.64 8.53 6.28
CA PRO A 201 1.40 8.56 4.82
C PRO A 201 2.59 9.07 4.00
N PHE A 202 2.58 8.81 2.72
CA PHE A 202 3.64 9.29 1.83
C PHE A 202 3.00 9.71 0.52
N ILE A 203 3.05 11.00 0.19
CA ILE A 203 2.45 11.52 -1.04
C ILE A 203 3.43 11.81 -2.17
N LYS A 204 2.88 11.85 -3.40
CA LYS A 204 3.56 12.29 -4.61
C LYS A 204 2.59 13.26 -5.30
N LEU A 205 2.99 14.51 -5.44
CA LEU A 205 2.21 15.51 -6.17
C LEU A 205 2.39 15.20 -7.64
N SER A 206 1.26 14.88 -8.30
CA SER A 206 1.23 14.53 -9.72
C SER A 206 1.62 15.72 -10.58
N ASP A 207 1.96 15.45 -11.85
CA ASP A 207 2.22 16.49 -12.86
C ASP A 207 0.91 17.32 -13.00
N PRO A 208 0.99 18.65 -13.27
CA PRO A 208 -0.25 19.46 -13.38
C PRO A 208 -1.14 19.26 -14.62
N GLY A 209 -0.76 18.34 -15.52
CA GLY A 209 -1.51 18.09 -16.74
C GLY A 209 -1.38 19.24 -17.73
N VAL A 210 -2.38 19.47 -18.56
CA VAL A 210 -2.36 20.57 -19.53
C VAL A 210 -2.25 21.91 -18.77
N GLY A 211 -1.23 22.69 -19.10
CA GLY A 211 -0.98 23.97 -18.46
C GLY A 211 -2.19 24.89 -18.40
N LEU A 212 -2.35 25.57 -17.25
CA LEU A 212 -3.48 26.46 -16.97
C LEU A 212 -3.72 27.54 -18.05
N GLY A 213 -2.65 28.16 -18.54
CA GLY A 213 -2.72 29.20 -19.56
C GLY A 213 -3.37 28.80 -20.88
N ALA A 214 -3.41 27.49 -21.18
CA ALA A 214 -4.01 26.98 -22.40
C ALA A 214 -5.49 26.59 -22.22
N LEU A 215 -6.02 26.63 -20.98
CA LEU A 215 -7.41 26.24 -20.74
C LEU A 215 -8.44 27.36 -21.00
N SER A 216 -9.68 26.95 -21.33
CA SER A 216 -10.79 27.87 -21.56
C SER A 216 -11.34 28.37 -20.22
N ARG A 217 -12.11 29.48 -20.23
CA ARG A 217 -12.75 30.08 -19.07
C ARG A 217 -13.62 29.06 -18.33
N GLU A 218 -14.39 28.26 -19.09
CA GLU A 218 -15.28 27.21 -18.59
C GLU A 218 -14.46 26.17 -17.76
N GLU A 219 -13.25 25.84 -18.22
CA GLU A 219 -12.35 24.90 -17.53
C GLU A 219 -11.75 25.52 -16.29
N ARG A 220 -11.45 26.84 -16.34
CA ARG A 220 -10.91 27.56 -15.18
C ARG A 220 -11.99 27.71 -14.09
N VAL A 221 -13.26 27.88 -14.48
CA VAL A 221 -14.40 27.96 -13.56
C VAL A 221 -14.58 26.60 -12.87
N GLU A 222 -14.40 25.48 -13.61
CA GLU A 222 -14.48 24.11 -13.08
C GLU A 222 -13.38 23.83 -12.02
N ARG A 223 -12.28 24.58 -12.04
CA ARG A 223 -11.17 24.46 -11.10
C ARG A 223 -11.40 25.17 -9.78
N ILE A 224 -12.45 25.99 -9.67
CA ILE A 224 -12.80 26.69 -8.41
C ILE A 224 -13.25 25.56 -7.43
N PRO A 225 -12.79 25.51 -6.16
CA PRO A 225 -12.05 26.52 -5.38
C PRO A 225 -10.52 26.49 -5.41
N TRP A 226 -9.90 25.53 -6.11
CA TRP A 226 -8.43 25.41 -6.15
C TRP A 226 -7.79 26.50 -6.99
N LEU A 227 -8.48 26.97 -8.04
CA LEU A 227 -7.98 28.02 -8.92
C LEU A 227 -7.81 29.34 -8.17
N ALA A 228 -6.67 30.02 -8.33
CA ALA A 228 -6.44 31.32 -7.70
C ALA A 228 -7.35 32.36 -8.40
N PRO A 229 -8.04 33.26 -7.66
CA PRO A 229 -8.99 34.21 -8.31
C PRO A 229 -8.40 35.10 -9.40
N GLU A 230 -7.10 35.45 -9.29
CA GLU A 230 -6.38 36.24 -10.29
C GLU A 230 -6.23 35.48 -11.64
N CYS A 231 -6.46 34.14 -11.63
CA CYS A 231 -6.39 33.28 -12.83
C CYS A 231 -7.74 33.19 -13.52
N LEU A 232 -8.81 33.65 -12.87
CA LEU A 232 -10.15 33.61 -13.46
C LEU A 232 -10.24 34.50 -14.71
N PRO A 233 -9.78 35.79 -14.72
CA PRO A 233 -9.87 36.58 -15.96
C PRO A 233 -8.63 36.40 -16.83
N THR A 241 3.97 32.25 -8.91
CA THR A 241 4.21 31.32 -7.79
C THR A 241 3.15 31.46 -6.70
N ALA A 242 2.54 32.67 -6.61
CA ALA A 242 1.47 32.98 -5.66
C ALA A 242 0.19 32.17 -5.91
N MET A 243 -0.06 31.71 -7.15
CA MET A 243 -1.27 30.93 -7.40
C MET A 243 -1.24 29.57 -6.66
N ASP A 244 -0.02 29.01 -6.45
CA ASP A 244 0.14 27.72 -5.77
C ASP A 244 -0.11 27.82 -4.29
N LYS A 245 0.00 29.03 -3.71
CA LYS A 245 -0.27 29.27 -2.29
C LYS A 245 -1.78 29.15 -2.08
N TRP A 246 -2.58 29.68 -3.02
CA TRP A 246 -4.04 29.56 -2.96
C TRP A 246 -4.44 28.05 -3.16
N GLY A 247 -3.92 27.42 -4.23
CA GLY A 247 -4.14 26.01 -4.53
C GLY A 247 -3.87 25.17 -3.31
N PHE A 248 -2.73 25.44 -2.64
CA PHE A 248 -2.32 24.81 -1.38
C PHE A 248 -3.34 25.02 -0.24
N GLY A 249 -3.83 26.25 -0.06
CA GLY A 249 -4.84 26.58 0.96
C GLY A 249 -6.18 25.88 0.71
N ALA A 250 -6.66 25.88 -0.53
CA ALA A 250 -7.91 25.20 -0.89
C ALA A 250 -7.78 23.66 -0.68
N THR A 251 -6.58 23.09 -0.96
CA THR A 251 -6.26 21.68 -0.75
C THR A 251 -6.27 21.33 0.75
N LEU A 252 -5.80 22.25 1.62
CA LEU A 252 -5.84 22.03 3.07
C LEU A 252 -7.28 21.94 3.55
N LEU A 253 -8.19 22.81 3.04
CA LEU A 253 -9.61 22.79 3.38
C LEU A 253 -10.21 21.46 2.96
N GLU A 254 -9.92 21.03 1.70
CA GLU A 254 -10.38 19.78 1.12
C GLU A 254 -9.95 18.59 2.00
N ILE A 255 -8.69 18.61 2.49
CA ILE A 255 -8.13 17.55 3.35
C ILE A 255 -8.85 17.58 4.71
N CYS A 256 -9.05 18.78 5.28
CA CYS A 256 -9.76 18.95 6.53
C CYS A 256 -11.21 18.42 6.44
N PHE A 257 -11.89 18.69 5.31
CA PHE A 257 -13.26 18.23 5.13
C PHE A 257 -13.37 16.84 4.49
N ASP A 258 -12.35 15.99 4.67
CA ASP A 258 -12.29 14.59 4.18
C ASP A 258 -12.62 14.45 2.68
N GLY A 259 -11.98 15.28 1.86
CA GLY A 259 -12.16 15.22 0.41
C GLY A 259 -13.45 15.87 -0.08
N GLU A 260 -14.12 16.63 0.78
CA GLU A 260 -15.30 17.37 0.37
C GLU A 260 -14.92 18.83 0.26
N ALA A 261 -14.49 19.24 -0.94
CA ALA A 261 -14.09 20.63 -1.16
C ALA A 261 -15.26 21.62 -1.12
N PRO A 262 -15.06 22.85 -0.58
CA PRO A 262 -16.15 23.84 -0.61
C PRO A 262 -16.52 24.19 -2.06
N LEU A 263 -17.80 24.55 -2.32
CA LEU A 263 -18.30 24.97 -3.64
C LEU A 263 -18.31 23.89 -4.74
N GLN A 264 -17.61 22.74 -4.56
CA GLN A 264 -17.49 21.67 -5.56
C GLN A 264 -18.82 21.26 -6.20
N SER A 265 -19.87 21.09 -5.38
CA SER A 265 -21.21 20.71 -5.82
C SER A 265 -21.94 21.82 -6.60
N ARG A 266 -21.68 23.11 -6.28
CA ARG A 266 -22.30 24.30 -6.89
C ARG A 266 -22.12 24.39 -8.43
N SER A 267 -23.03 25.12 -9.10
CA SER A 267 -23.06 25.29 -10.55
C SER A 267 -21.92 26.23 -11.03
N PRO A 268 -21.50 26.21 -12.32
CA PRO A 268 -20.44 27.12 -12.77
C PRO A 268 -20.75 28.61 -12.51
N SER A 269 -22.02 29.00 -12.76
CA SER A 269 -22.52 30.35 -12.53
C SER A 269 -22.33 30.75 -11.05
N GLU A 270 -22.73 29.87 -10.11
CA GLU A 270 -22.58 30.07 -8.66
C GLU A 270 -21.10 30.21 -8.24
N LYS A 271 -20.21 29.34 -8.81
CA LYS A 271 -18.77 29.37 -8.50
C LYS A 271 -18.11 30.66 -8.98
N GLU A 272 -18.44 31.10 -10.20
CA GLU A 272 -17.90 32.33 -10.78
C GLU A 272 -18.38 33.56 -9.97
N HIS A 273 -19.68 33.58 -9.62
CA HIS A 273 -20.30 34.66 -8.83
C HIS A 273 -19.60 34.77 -7.47
N PHE A 274 -19.26 33.62 -6.84
CA PHE A 274 -18.56 33.57 -5.55
C PHE A 274 -17.23 34.34 -5.60
N TYR A 275 -16.44 34.15 -6.69
CA TYR A 275 -15.16 34.85 -6.91
C TYR A 275 -15.37 36.29 -7.35
N GLN A 276 -16.35 36.55 -8.25
CA GLN A 276 -16.65 37.91 -8.76
C GLN A 276 -17.09 38.83 -7.61
N ARG A 277 -17.90 38.29 -6.69
CA ARG A 277 -18.36 38.99 -5.49
C ARG A 277 -17.32 38.96 -4.33
N GLN A 278 -16.11 38.36 -4.58
CA GLN A 278 -14.95 38.27 -3.68
C GLN A 278 -15.20 37.54 -2.33
N HIS A 279 -16.18 36.64 -2.31
CA HIS A 279 -16.49 35.84 -1.11
C HIS A 279 -15.33 34.95 -0.70
N ARG A 280 -15.19 34.72 0.59
CA ARG A 280 -14.09 33.91 1.09
C ARG A 280 -14.55 32.50 1.44
N LEU A 281 -13.63 31.54 1.27
CA LEU A 281 -13.87 30.12 1.50
C LEU A 281 -14.06 29.80 2.99
N PRO A 282 -14.80 28.74 3.37
CA PRO A 282 -15.00 28.46 4.80
C PRO A 282 -13.72 28.22 5.57
N GLU A 283 -13.79 28.38 6.88
CA GLU A 283 -12.66 28.11 7.77
C GLU A 283 -12.58 26.58 7.93
N PRO A 284 -11.38 25.99 8.14
CA PRO A 284 -11.33 24.53 8.32
C PRO A 284 -11.89 24.12 9.68
N SER A 285 -12.38 22.86 9.78
CA SER A 285 -12.88 22.26 11.03
C SER A 285 -11.71 22.03 11.99
N CYS A 286 -10.47 21.96 11.45
CA CYS A 286 -9.22 21.81 12.19
C CYS A 286 -8.71 23.22 12.58
N PRO A 287 -8.67 23.58 13.89
CA PRO A 287 -8.21 24.93 14.27
C PRO A 287 -6.70 25.16 14.07
N GLN A 288 -5.91 24.07 13.99
CA GLN A 288 -4.46 24.12 13.78
C GLN A 288 -4.07 24.64 12.37
N LEU A 289 -5.06 24.82 11.47
CA LEU A 289 -4.83 25.30 10.10
C LEU A 289 -5.67 26.53 9.70
N ALA A 290 -6.49 27.08 10.64
CA ALA A 290 -7.36 28.23 10.39
C ALA A 290 -6.65 29.50 9.94
N THR A 291 -5.54 29.87 10.62
CA THR A 291 -4.74 31.06 10.32
C THR A 291 -4.06 30.89 8.95
N LEU A 292 -3.40 29.74 8.77
CA LEU A 292 -2.70 29.34 7.55
C LEU A 292 -3.60 29.40 6.31
N THR A 293 -4.82 28.79 6.36
CA THR A 293 -5.74 28.83 5.23
C THR A 293 -6.23 30.25 4.98
N SER A 294 -6.52 31.02 6.05
CA SER A 294 -6.93 32.42 5.92
C SER A 294 -5.83 33.25 5.21
N GLN A 295 -4.55 33.01 5.54
CA GLN A 295 -3.43 33.74 4.91
C GLN A 295 -3.23 33.34 3.44
N CYS A 296 -3.36 32.03 3.12
CA CYS A 296 -3.20 31.49 1.76
C CYS A 296 -4.37 31.88 0.89
N LEU A 297 -5.59 31.89 1.45
CA LEU A 297 -6.79 32.14 0.65
C LEU A 297 -7.26 33.63 0.64
N THR A 298 -6.28 34.55 0.52
CA THR A 298 -6.56 35.97 0.33
C THR A 298 -6.58 36.27 -1.18
N TYR A 299 -7.49 37.18 -1.61
CA TYR A 299 -7.60 37.58 -3.00
C TYR A 299 -6.39 38.41 -3.48
N GLU A 300 -5.58 38.96 -2.55
CA GLU A 300 -4.36 39.71 -2.84
C GLU A 300 -3.19 38.72 -2.90
N PRO A 301 -2.67 38.42 -4.12
CA PRO A 301 -1.59 37.41 -4.23
C PRO A 301 -0.32 37.72 -3.45
N THR A 302 0.06 39.01 -3.37
CA THR A 302 1.30 39.47 -2.70
C THR A 302 1.25 39.28 -1.18
N GLN A 303 0.03 39.19 -0.59
CA GLN A 303 -0.20 38.99 0.84
C GLN A 303 -0.06 37.52 1.28
N ARG A 304 0.00 36.58 0.31
CA ARG A 304 0.11 35.14 0.61
C ARG A 304 1.52 34.79 1.12
N PRO A 305 1.61 34.01 2.23
CA PRO A 305 2.94 33.67 2.76
C PRO A 305 3.75 32.78 1.82
N SER A 306 5.08 32.80 1.94
CA SER A 306 5.96 31.96 1.14
C SER A 306 5.90 30.53 1.69
N PHE A 307 6.26 29.52 0.88
CA PHE A 307 6.24 28.13 1.34
C PHE A 307 7.30 27.86 2.42
N ARG A 308 8.35 28.69 2.47
CA ARG A 308 9.39 28.65 3.50
C ARG A 308 8.71 28.98 4.86
N THR A 309 7.85 30.01 4.87
CA THR A 309 7.08 30.44 6.05
C THR A 309 6.02 29.38 6.42
N ILE A 310 5.23 28.90 5.41
CA ILE A 310 4.21 27.86 5.57
C ILE A 310 4.83 26.58 6.18
N LEU A 311 5.96 26.10 5.60
CA LEU A 311 6.67 24.91 6.06
C LEU A 311 7.17 25.06 7.50
N ARG A 312 7.62 26.29 7.87
CA ARG A 312 8.08 26.61 9.23
C ARG A 312 6.88 26.63 10.21
N ASP A 313 5.79 27.30 9.83
CA ASP A 313 4.56 27.44 10.61
C ASP A 313 3.81 26.11 10.82
N LEU A 314 4.04 25.09 9.95
CA LEU A 314 3.41 23.78 10.08
C LEU A 314 4.02 22.98 11.21
N PHE B 29 -6.56 -15.15 25.72
CA PHE B 29 -6.90 -14.10 24.76
C PHE B 29 -7.99 -13.15 25.26
N HIS B 30 -7.95 -11.90 24.78
CA HIS B 30 -8.94 -10.87 25.07
C HIS B 30 -10.25 -11.08 24.27
N ARG B 31 -11.40 -10.82 24.91
CA ARG B 31 -12.71 -10.92 24.29
C ARG B 31 -13.00 -9.54 23.73
N VAL B 32 -13.37 -9.49 22.44
CA VAL B 32 -13.67 -8.24 21.76
C VAL B 32 -15.17 -8.26 21.50
N ASP B 33 -15.87 -7.17 21.83
CA ASP B 33 -17.29 -7.03 21.59
C ASP B 33 -17.46 -6.57 20.14
N GLN B 34 -18.53 -7.04 19.46
CA GLN B 34 -18.80 -6.66 18.06
C GLN B 34 -19.04 -5.16 17.87
N LYS B 35 -19.43 -4.45 18.96
CA LYS B 35 -19.62 -3.00 18.96
C LYS B 35 -18.26 -2.27 18.85
N GLU B 36 -17.15 -2.95 19.20
CA GLU B 36 -15.81 -2.34 19.14
C GLU B 36 -15.12 -2.49 17.77
N ILE B 37 -15.69 -3.27 16.83
CA ILE B 37 -15.08 -3.52 15.52
C ILE B 37 -15.94 -3.06 14.33
N THR B 38 -15.26 -2.61 13.26
CA THR B 38 -15.90 -2.20 12.02
C THR B 38 -15.25 -3.05 10.94
N GLN B 39 -16.08 -3.81 10.20
CA GLN B 39 -15.61 -4.67 9.12
C GLN B 39 -15.54 -3.87 7.82
N LEU B 40 -14.37 -3.90 7.17
CA LEU B 40 -14.15 -3.15 5.95
C LEU B 40 -13.94 -4.10 4.77
N SER B 41 -13.11 -3.75 3.81
CA SER B 41 -12.90 -4.55 2.62
C SER B 41 -12.30 -5.92 2.83
N HIS B 42 -12.74 -6.89 2.01
CA HIS B 42 -12.21 -8.24 1.92
C HIS B 42 -10.77 -8.16 1.41
N LEU B 43 -9.85 -8.87 2.07
CA LEU B 43 -8.45 -8.91 1.70
C LEU B 43 -8.09 -10.20 1.03
N GLY B 44 -8.76 -11.27 1.44
CA GLY B 44 -8.50 -12.59 0.87
C GLY B 44 -9.05 -13.71 1.74
N GLN B 45 -8.62 -14.92 1.46
CA GLN B 45 -9.10 -16.06 2.21
C GLN B 45 -7.98 -16.79 2.88
N GLY B 46 -8.25 -17.39 4.03
CA GLY B 46 -7.35 -18.28 4.74
C GLY B 46 -7.99 -19.66 4.77
N THR B 47 -7.39 -20.62 5.48
CA THR B 47 -8.01 -21.94 5.62
C THR B 47 -9.25 -21.78 6.51
N ARG B 48 -10.47 -22.01 5.95
CA ARG B 48 -11.76 -21.91 6.63
C ARG B 48 -12.08 -20.49 7.09
N THR B 49 -11.41 -19.49 6.49
CA THR B 49 -11.59 -18.09 6.89
C THR B 49 -11.61 -17.12 5.75
N ASN B 50 -12.14 -15.94 6.04
CA ASN B 50 -12.15 -14.78 5.17
C ASN B 50 -11.45 -13.69 5.97
N VAL B 51 -10.48 -13.05 5.32
CA VAL B 51 -9.67 -12.01 5.93
C VAL B 51 -10.18 -10.66 5.42
N TYR B 52 -10.51 -9.74 6.34
CA TYR B 52 -11.00 -8.39 6.05
C TYR B 52 -10.13 -7.36 6.74
N GLU B 53 -10.19 -6.16 6.22
CA GLU B 53 -9.57 -5.01 6.82
C GLU B 53 -10.63 -4.54 7.80
N GLY B 54 -10.20 -3.91 8.86
CA GLY B 54 -11.16 -3.40 9.82
C GLY B 54 -10.63 -2.28 10.69
N ARG B 55 -11.46 -1.85 11.63
CA ARG B 55 -11.12 -0.84 12.63
C ARG B 55 -11.51 -1.38 14.01
N LEU B 56 -10.67 -1.11 14.99
CA LEU B 56 -10.89 -1.51 16.37
C LEU B 56 -10.89 -0.24 17.21
N ARG B 57 -12.02 0.03 17.89
CA ARG B 57 -12.23 1.24 18.72
C ARG B 57 -11.34 1.29 19.96
N GLU B 84 -8.99 4.65 17.73
CA GLU B 84 -9.21 3.73 16.61
C GLU B 84 -7.92 3.15 16.01
N LEU B 85 -7.87 1.81 15.86
CA LEU B 85 -6.72 1.13 15.26
C LEU B 85 -7.13 0.40 13.98
N ARG B 86 -6.22 0.40 12.97
CA ARG B 86 -6.42 -0.38 11.75
C ARG B 86 -6.06 -1.80 12.15
N VAL B 87 -6.93 -2.76 11.84
CA VAL B 87 -6.70 -4.17 12.19
C VAL B 87 -7.14 -5.05 11.02
N VAL B 88 -6.94 -6.38 11.15
CA VAL B 88 -7.52 -7.33 10.23
C VAL B 88 -8.48 -8.22 11.05
N LEU B 89 -9.53 -8.67 10.38
CA LEU B 89 -10.55 -9.56 10.95
C LEU B 89 -10.50 -10.87 10.24
N LYS B 90 -10.17 -11.94 10.98
CA LYS B 90 -10.09 -13.28 10.39
C LYS B 90 -11.34 -14.01 10.81
N VAL B 91 -12.32 -14.02 9.89
CA VAL B 91 -13.68 -14.56 10.08
C VAL B 91 -13.73 -16.03 9.76
N LEU B 92 -13.88 -16.86 10.82
CA LEU B 92 -13.95 -18.31 10.66
C LEU B 92 -15.34 -18.66 10.10
N ASP B 93 -15.40 -19.60 9.14
CA ASP B 93 -16.63 -20.17 8.55
C ASP B 93 -17.49 -20.76 9.71
N PRO B 94 -18.83 -20.89 9.56
CA PRO B 94 -19.60 -21.64 10.60
C PRO B 94 -18.90 -23.00 10.79
N SER B 95 -18.61 -23.35 12.02
CA SER B 95 -17.80 -24.53 12.33
C SER B 95 -18.30 -25.32 13.52
N HIS B 96 -17.87 -26.58 13.60
CA HIS B 96 -18.11 -27.41 14.76
C HIS B 96 -17.16 -26.96 15.87
N HIS B 97 -17.51 -27.28 17.13
CA HIS B 97 -16.74 -26.89 18.32
C HIS B 97 -15.25 -27.29 18.28
N ASP B 98 -14.89 -28.45 17.68
CA ASP B 98 -13.47 -28.82 17.62
C ASP B 98 -12.68 -27.90 16.67
N ILE B 99 -13.31 -27.39 15.60
CA ILE B 99 -12.65 -26.44 14.71
C ILE B 99 -12.55 -25.09 15.41
N ALA B 100 -13.66 -24.64 16.05
CA ALA B 100 -13.66 -23.37 16.76
C ALA B 100 -12.55 -23.43 17.83
N LEU B 101 -12.46 -24.56 18.56
CA LEU B 101 -11.45 -24.77 19.61
C LEU B 101 -10.02 -24.59 19.08
N ALA B 102 -9.69 -25.20 17.92
CA ALA B 102 -8.36 -25.05 17.29
C ALA B 102 -8.07 -23.58 16.92
N PHE B 103 -9.13 -22.81 16.56
CA PHE B 103 -9.03 -21.39 16.24
C PHE B 103 -8.74 -20.60 17.53
N TYR B 104 -9.45 -20.93 18.65
CA TYR B 104 -9.21 -20.30 19.97
C TYR B 104 -7.82 -20.63 20.48
N GLU B 105 -7.33 -21.88 20.25
CA GLU B 105 -5.99 -22.29 20.67
C GLU B 105 -4.90 -21.42 19.99
N THR B 106 -5.08 -21.09 18.70
CA THR B 106 -4.20 -20.20 17.94
C THR B 106 -4.23 -18.78 18.54
N ALA B 107 -5.44 -18.26 18.81
CA ALA B 107 -5.56 -16.92 19.38
C ALA B 107 -4.86 -16.87 20.77
N SER B 108 -4.99 -17.93 21.55
CA SER B 108 -4.41 -18.07 22.88
C SER B 108 -2.88 -18.10 22.81
N LEU B 109 -2.32 -18.94 21.94
CA LEU B 109 -0.89 -19.05 21.68
C LEU B 109 -0.28 -17.70 21.27
N MET B 110 -0.90 -17.02 20.31
CA MET B 110 -0.44 -15.73 19.79
C MET B 110 -0.61 -14.57 20.76
N SER B 111 -1.57 -14.68 21.70
CA SER B 111 -1.79 -13.66 22.74
C SER B 111 -0.76 -13.82 23.88
N GLN B 112 -0.17 -15.02 24.05
CA GLN B 112 0.80 -15.34 25.10
C GLN B 112 2.26 -15.14 24.68
N VAL B 113 2.49 -14.75 23.42
CA VAL B 113 3.84 -14.53 22.89
C VAL B 113 4.02 -13.07 22.55
N SER B 114 5.27 -12.62 22.54
CA SER B 114 5.60 -11.25 22.18
C SER B 114 6.97 -11.26 21.54
N HIS B 115 7.01 -10.91 20.26
CA HIS B 115 8.22 -10.86 19.47
C HIS B 115 8.00 -9.91 18.35
N THR B 116 9.01 -9.14 18.10
CA THR B 116 9.03 -8.10 17.08
C THR B 116 8.67 -8.65 15.67
N HIS B 117 9.00 -9.92 15.37
CA HIS B 117 8.65 -10.49 14.07
C HIS B 117 7.44 -11.43 14.11
N LEU B 118 6.61 -11.29 15.12
CA LEU B 118 5.37 -12.05 15.28
C LEU B 118 4.21 -11.08 15.28
N ALA B 119 3.17 -11.34 14.46
CA ALA B 119 2.01 -10.46 14.42
C ALA B 119 1.24 -10.48 15.75
N PHE B 120 0.74 -9.30 16.17
CA PHE B 120 -0.04 -9.09 17.38
C PHE B 120 -1.47 -9.58 17.20
N VAL B 121 -2.04 -10.20 18.26
CA VAL B 121 -3.44 -10.64 18.27
C VAL B 121 -4.14 -9.78 19.31
N HIS B 122 -5.14 -8.98 18.87
CA HIS B 122 -5.91 -8.07 19.71
C HIS B 122 -6.96 -8.81 20.54
N GLY B 123 -7.47 -9.90 19.98
CA GLY B 123 -8.45 -10.72 20.65
C GLY B 123 -9.38 -11.44 19.71
N VAL B 124 -10.49 -11.95 20.28
CA VAL B 124 -11.50 -12.74 19.59
C VAL B 124 -12.88 -12.20 19.84
N CYS B 125 -13.65 -12.08 18.76
CA CYS B 125 -15.04 -11.68 18.75
C CYS B 125 -15.92 -12.84 18.27
N VAL B 126 -17.03 -13.09 18.95
CA VAL B 126 -17.99 -14.11 18.53
C VAL B 126 -19.24 -13.34 18.03
N ARG B 127 -19.54 -13.42 16.72
CA ARG B 127 -20.65 -12.72 16.06
C ARG B 127 -21.58 -13.76 15.43
N GLY B 128 -22.64 -14.12 16.15
CA GLY B 128 -23.58 -15.17 15.75
C GLY B 128 -22.84 -16.49 15.55
N PRO B 129 -22.87 -17.10 14.33
CA PRO B 129 -22.10 -18.33 14.13
C PRO B 129 -20.63 -18.06 13.78
N GLU B 130 -20.22 -16.79 13.64
CA GLU B 130 -18.84 -16.45 13.24
C GLU B 130 -17.88 -16.16 14.37
N ASN B 131 -16.75 -16.87 14.38
CA ASN B 131 -15.65 -16.60 15.30
C ASN B 131 -14.71 -15.69 14.53
N ILE B 132 -14.27 -14.58 15.16
CA ILE B 132 -13.43 -13.60 14.50
C ILE B 132 -12.15 -13.35 15.30
N MET B 133 -11.00 -13.58 14.68
CA MET B 133 -9.74 -13.27 15.32
C MET B 133 -9.36 -11.89 14.84
N VAL B 134 -9.15 -10.97 15.79
CA VAL B 134 -8.82 -9.57 15.52
C VAL B 134 -7.30 -9.51 15.64
N THR B 135 -6.61 -9.32 14.50
CA THR B 135 -5.16 -9.38 14.45
C THR B 135 -4.52 -8.14 13.79
N GLU B 136 -3.19 -8.08 13.87
CA GLU B 136 -2.41 -6.97 13.35
C GLU B 136 -2.54 -6.71 11.85
N TYR B 137 -2.85 -5.45 11.52
CA TYR B 137 -2.83 -4.95 10.16
C TYR B 137 -1.35 -4.55 9.86
N VAL B 138 -0.78 -5.04 8.75
CA VAL B 138 0.58 -4.68 8.33
C VAL B 138 0.42 -3.94 7.01
N GLU B 139 1.16 -2.84 6.80
CA GLU B 139 1.05 -1.98 5.61
C GLU B 139 1.03 -2.66 4.26
N HIS B 140 1.95 -3.58 4.01
CA HIS B 140 2.13 -4.09 2.64
C HIS B 140 1.63 -5.49 2.34
N GLY B 141 0.96 -6.10 3.30
CA GLY B 141 0.36 -7.42 3.09
C GLY B 141 1.34 -8.59 2.96
N PRO B 142 0.82 -9.74 2.42
CA PRO B 142 1.65 -10.96 2.31
C PRO B 142 2.84 -10.93 1.37
N LEU B 143 3.94 -11.57 1.83
CA LEU B 143 5.22 -11.68 1.13
C LEU B 143 5.12 -12.37 -0.25
N ASP B 144 4.37 -13.49 -0.35
CA ASP B 144 4.22 -14.27 -1.59
C ASP B 144 3.66 -13.40 -2.71
N VAL B 145 2.61 -12.61 -2.42
CA VAL B 145 1.96 -11.69 -3.37
C VAL B 145 2.99 -10.68 -3.89
N TRP B 146 3.72 -10.04 -2.96
CA TRP B 146 4.73 -9.05 -3.27
C TRP B 146 5.88 -9.65 -4.13
N LEU B 147 6.39 -10.86 -3.76
CA LEU B 147 7.47 -11.50 -4.53
C LEU B 147 7.08 -11.76 -5.99
N ARG B 148 5.82 -12.17 -6.26
CA ARG B 148 5.32 -12.42 -7.62
C ARG B 148 5.25 -11.13 -8.42
N ARG B 149 4.74 -10.04 -7.80
CA ARG B 149 4.65 -8.71 -8.40
C ARG B 149 6.04 -8.16 -8.74
N GLU B 150 7.03 -8.38 -7.85
CA GLU B 150 8.41 -7.89 -8.02
C GLU B 150 9.40 -8.92 -8.62
N ARG B 151 8.88 -10.05 -9.19
CA ARG B 151 9.68 -11.16 -9.76
C ARG B 151 10.81 -10.68 -10.68
N GLY B 152 12.02 -11.15 -10.39
CA GLY B 152 13.21 -10.80 -11.15
C GLY B 152 13.90 -9.54 -10.69
N HIS B 153 13.28 -8.81 -9.75
CA HIS B 153 13.83 -7.56 -9.23
C HIS B 153 14.00 -7.56 -7.69
N VAL B 154 14.08 -8.76 -7.07
CA VAL B 154 14.25 -8.85 -5.61
C VAL B 154 15.70 -9.27 -5.33
N PRO B 155 16.54 -8.36 -4.76
CA PRO B 155 17.93 -8.72 -4.50
C PRO B 155 18.12 -9.80 -3.44
N MET B 156 19.22 -10.57 -3.54
CA MET B 156 19.60 -11.62 -2.61
C MET B 156 19.74 -11.09 -1.18
N ALA B 157 20.33 -9.89 -0.99
CA ALA B 157 20.53 -9.27 0.33
C ALA B 157 19.19 -9.01 1.04
N TRP B 158 18.15 -8.64 0.28
CA TRP B 158 16.78 -8.42 0.77
C TRP B 158 16.18 -9.77 1.28
N LYS B 159 16.37 -10.84 0.51
CA LYS B 159 15.90 -12.19 0.82
C LYS B 159 16.59 -12.75 2.08
N MET B 160 17.87 -12.40 2.29
CA MET B 160 18.66 -12.80 3.45
C MET B 160 18.16 -12.14 4.74
N VAL B 161 17.76 -10.84 4.67
CA VAL B 161 17.20 -10.12 5.82
C VAL B 161 15.89 -10.81 6.27
N VAL B 162 14.97 -11.08 5.32
CA VAL B 162 13.69 -11.76 5.56
C VAL B 162 13.93 -13.13 6.23
N ALA B 163 14.84 -13.94 5.67
CA ALA B 163 15.20 -15.28 6.19
C ALA B 163 15.66 -15.21 7.65
N GLN B 164 16.52 -14.21 7.98
CA GLN B 164 17.07 -13.98 9.32
C GLN B 164 15.97 -13.55 10.28
N GLN B 165 15.10 -12.69 9.82
CA GLN B 165 14.01 -12.20 10.66
C GLN B 165 13.03 -13.32 10.95
N LEU B 166 12.75 -14.16 9.93
CA LEU B 166 11.87 -15.31 10.09
C LEU B 166 12.51 -16.34 11.04
N ALA B 167 13.83 -16.64 10.87
CA ALA B 167 14.55 -17.58 11.75
C ALA B 167 14.56 -17.08 13.21
N SER B 168 14.60 -15.74 13.40
CA SER B 168 14.58 -15.08 14.72
C SER B 168 13.25 -15.34 15.44
N ALA B 169 12.12 -15.15 14.72
CA ALA B 169 10.78 -15.38 15.25
C ALA B 169 10.60 -16.85 15.59
N LEU B 170 11.10 -17.74 14.71
CA LEU B 170 10.95 -19.19 14.93
C LEU B 170 11.88 -19.73 16.05
N SER B 171 13.06 -19.10 16.25
CA SER B 171 13.99 -19.45 17.34
C SER B 171 13.35 -19.12 18.69
N TYR B 172 12.68 -17.96 18.77
CA TYR B 172 11.99 -17.50 19.97
C TYR B 172 10.89 -18.52 20.31
N LEU B 173 10.12 -18.96 19.28
CA LEU B 173 9.06 -19.95 19.46
C LEU B 173 9.64 -21.30 19.91
N GLU B 174 10.75 -21.72 19.28
CA GLU B 174 11.50 -22.95 19.59
C GLU B 174 11.99 -22.99 21.05
N ASN B 175 12.53 -21.87 21.56
CA ASN B 175 13.01 -21.70 22.94
C ASN B 175 11.92 -21.92 23.95
N LYS B 176 10.68 -21.58 23.59
CA LYS B 176 9.49 -21.72 24.43
C LYS B 176 8.77 -23.03 24.17
N ASN B 177 9.34 -23.90 23.32
CA ASN B 177 8.77 -25.20 22.90
C ASN B 177 7.34 -25.05 22.33
N LEU B 178 7.18 -24.05 21.46
CA LEU B 178 5.90 -23.74 20.83
C LEU B 178 5.99 -23.98 19.34
N VAL B 179 4.89 -24.46 18.74
CA VAL B 179 4.83 -24.72 17.32
C VAL B 179 3.89 -23.73 16.62
N HIS B 180 4.36 -23.17 15.51
CA HIS B 180 3.57 -22.28 14.68
C HIS B 180 2.68 -23.22 13.83
N GLY B 181 3.30 -24.07 13.01
CA GLY B 181 2.58 -25.06 12.22
C GLY B 181 2.08 -24.61 10.86
N ASN B 182 2.27 -23.33 10.51
CA ASN B 182 1.82 -22.80 9.24
C ASN B 182 2.78 -21.75 8.66
N VAL B 183 4.09 -22.10 8.58
CA VAL B 183 5.11 -21.21 8.03
C VAL B 183 5.09 -21.29 6.50
N CYS B 184 4.79 -20.19 5.83
CA CYS B 184 4.80 -20.03 4.36
C CYS B 184 4.84 -18.55 4.05
N GLY B 185 5.15 -18.19 2.80
CA GLY B 185 5.22 -16.82 2.33
C GLY B 185 3.92 -16.04 2.50
N ARG B 186 2.77 -16.71 2.36
CA ARG B 186 1.44 -16.10 2.56
C ARG B 186 1.27 -15.55 4.01
N ASN B 187 1.84 -16.27 4.99
CA ASN B 187 1.74 -15.89 6.40
C ASN B 187 2.86 -14.96 6.83
N ILE B 188 3.70 -14.56 5.90
CA ILE B 188 4.74 -13.61 6.22
C ILE B 188 4.25 -12.26 5.69
N LEU B 189 4.05 -11.32 6.60
CA LEU B 189 3.51 -10.01 6.30
C LEU B 189 4.59 -8.96 6.30
N LEU B 190 4.55 -8.05 5.30
CA LEU B 190 5.56 -6.97 5.21
C LEU B 190 5.13 -5.68 5.90
N ALA B 191 5.73 -5.39 7.08
CA ALA B 191 5.43 -4.14 7.79
C ALA B 191 6.18 -3.00 7.10
N ARG B 192 7.38 -3.31 6.55
CA ARG B 192 8.20 -2.39 5.77
C ARG B 192 8.71 -3.17 4.54
N LEU B 193 8.78 -2.50 3.37
CA LEU B 193 9.26 -3.09 2.12
C LEU B 193 10.76 -2.99 2.01
N SER B 200 15.75 -1.52 4.90
CA SER B 200 15.63 -2.95 4.60
C SER B 200 14.21 -3.50 4.94
N PRO B 201 13.80 -4.72 4.55
CA PRO B 201 12.43 -5.17 4.86
C PRO B 201 12.21 -5.44 6.35
N PHE B 202 10.93 -5.50 6.76
CA PHE B 202 10.57 -5.81 8.14
C PHE B 202 9.33 -6.68 8.12
N ILE B 203 9.46 -7.94 8.56
CA ILE B 203 8.34 -8.89 8.53
C ILE B 203 7.65 -9.12 9.87
N LYS B 204 6.42 -9.63 9.78
CA LYS B 204 5.61 -10.11 10.91
C LYS B 204 5.03 -11.44 10.47
N LEU B 205 5.42 -12.52 11.16
CA LEU B 205 4.86 -13.85 10.90
C LEU B 205 3.46 -13.85 11.50
N SER B 206 2.46 -14.04 10.62
CA SER B 206 1.05 -14.04 10.98
C SER B 206 0.72 -15.20 11.89
N ASP B 207 -0.43 -15.12 12.58
CA ASP B 207 -0.97 -16.25 13.35
C ASP B 207 -1.18 -17.46 12.39
N PRO B 208 -1.00 -18.73 12.87
CA PRO B 208 -1.17 -19.88 11.94
C PRO B 208 -2.61 -20.25 11.50
N GLY B 209 -3.61 -19.49 11.94
CA GLY B 209 -5.02 -19.76 11.62
C GLY B 209 -5.52 -20.99 12.36
N VAL B 210 -6.51 -21.69 11.82
CA VAL B 210 -7.01 -22.95 12.40
C VAL B 210 -5.83 -23.93 12.57
N GLY B 211 -5.63 -24.43 13.79
CA GLY B 211 -4.56 -25.37 14.10
C GLY B 211 -4.53 -26.58 13.18
N LEU B 212 -3.32 -26.99 12.80
CA LEU B 212 -3.05 -28.12 11.89
C LEU B 212 -3.75 -29.43 12.30
N GLY B 213 -3.73 -29.75 13.60
CA GLY B 213 -4.33 -30.96 14.16
C GLY B 213 -5.82 -31.12 13.93
N ALA B 214 -6.53 -30.00 13.68
CA ALA B 214 -7.96 -30.02 13.44
C ALA B 214 -8.32 -30.11 11.93
N LEU B 215 -7.33 -30.02 11.02
CA LEU B 215 -7.59 -30.04 9.58
C LEU B 215 -7.72 -31.44 8.99
N SER B 216 -8.49 -31.53 7.88
CA SER B 216 -8.69 -32.79 7.14
C SER B 216 -7.45 -33.12 6.30
N ARG B 217 -7.32 -34.39 5.86
CA ARG B 217 -6.23 -34.87 5.01
C ARG B 217 -6.12 -34.04 3.73
N GLU B 218 -7.27 -33.73 3.10
CA GLU B 218 -7.39 -32.91 1.89
C GLU B 218 -6.75 -31.52 2.10
N GLU B 219 -6.96 -30.93 3.30
CA GLU B 219 -6.40 -29.62 3.67
C GLU B 219 -4.91 -29.72 3.92
N ARG B 220 -4.43 -30.84 4.50
CA ARG B 220 -3.01 -31.06 4.75
C ARG B 220 -2.26 -31.29 3.43
N VAL B 221 -2.92 -31.94 2.44
CA VAL B 221 -2.34 -32.17 1.10
C VAL B 221 -2.20 -30.81 0.39
N GLU B 222 -3.19 -29.89 0.56
CA GLU B 222 -3.16 -28.53 0.00
C GLU B 222 -2.00 -27.69 0.56
N ARG B 223 -1.49 -28.05 1.76
CA ARG B 223 -0.41 -27.33 2.43
C ARG B 223 1.01 -27.78 1.96
N ILE B 224 1.10 -28.82 1.08
CA ILE B 224 2.38 -29.29 0.49
C ILE B 224 2.79 -28.18 -0.52
N PRO B 225 4.04 -27.70 -0.56
CA PRO B 225 5.28 -28.22 0.07
C PRO B 225 5.66 -27.71 1.46
N TRP B 226 4.87 -26.78 2.04
CA TRP B 226 5.19 -26.23 3.37
C TRP B 226 4.93 -27.21 4.51
N LEU B 227 3.95 -28.09 4.34
CA LEU B 227 3.60 -29.11 5.34
C LEU B 227 4.76 -30.10 5.54
N ALA B 228 5.12 -30.40 6.79
CA ALA B 228 6.17 -31.38 7.08
C ALA B 228 5.62 -32.79 6.74
N PRO B 229 6.39 -33.67 6.05
CA PRO B 229 5.86 -34.98 5.64
C PRO B 229 5.31 -35.87 6.74
N GLU B 230 5.86 -35.75 7.97
CA GLU B 230 5.38 -36.48 9.15
C GLU B 230 3.95 -36.04 9.57
N CYS B 231 3.47 -34.88 9.05
CA CYS B 231 2.14 -34.35 9.33
C CYS B 231 1.12 -34.84 8.33
N LEU B 232 1.59 -35.47 7.23
CA LEU B 232 0.68 -35.99 6.21
C LEU B 232 -0.21 -37.13 6.76
N PRO B 233 0.32 -38.16 7.48
CA PRO B 233 -0.58 -39.20 8.01
C PRO B 233 -1.09 -38.85 9.40
N THR B 241 8.13 -29.27 17.19
CA THR B 241 8.91 -28.08 16.82
C THR B 241 9.66 -28.29 15.50
N ALA B 242 9.95 -29.57 15.19
CA ALA B 242 10.63 -29.97 13.96
C ALA B 242 9.81 -29.69 12.70
N MET B 243 8.48 -29.64 12.78
CA MET B 243 7.67 -29.34 11.59
C MET B 243 7.92 -27.91 11.06
N ASP B 244 8.27 -26.98 11.97
CA ASP B 244 8.51 -25.58 11.58
C ASP B 244 9.83 -25.41 10.87
N LYS B 245 10.77 -26.36 11.06
CA LYS B 245 12.06 -26.35 10.37
C LYS B 245 11.83 -26.66 8.90
N TRP B 246 10.91 -27.60 8.61
CA TRP B 246 10.54 -27.93 7.23
C TRP B 246 9.79 -26.73 6.59
N GLY B 247 8.77 -26.23 7.29
CA GLY B 247 7.99 -25.07 6.85
C GLY B 247 8.91 -23.92 6.51
N PHE B 248 9.90 -23.65 7.38
CA PHE B 248 10.95 -22.65 7.19
C PHE B 248 11.78 -22.93 5.92
N GLY B 249 12.21 -24.20 5.74
CA GLY B 249 12.94 -24.64 4.56
C GLY B 249 12.21 -24.42 3.24
N ALA B 250 10.93 -24.82 3.17
CA ALA B 250 10.05 -24.66 2.00
C ALA B 250 9.80 -23.18 1.69
N THR B 251 9.69 -22.34 2.76
CA THR B 251 9.52 -20.88 2.64
C THR B 251 10.76 -20.22 2.03
N LEU B 252 11.97 -20.71 2.35
CA LEU B 252 13.22 -20.18 1.77
C LEU B 252 13.24 -20.44 0.28
N LEU B 253 12.79 -21.63 -0.16
CA LEU B 253 12.73 -22.00 -1.58
C LEU B 253 11.75 -21.06 -2.28
N GLU B 254 10.57 -20.86 -1.68
CA GLU B 254 9.51 -19.99 -2.17
C GLU B 254 10.04 -18.55 -2.35
N ILE B 255 10.76 -18.02 -1.34
CA ILE B 255 11.37 -16.68 -1.44
C ILE B 255 12.43 -16.67 -2.59
N CYS B 256 13.33 -17.68 -2.62
CA CYS B 256 14.33 -17.78 -3.66
C CYS B 256 13.70 -17.77 -5.06
N PHE B 257 12.60 -18.50 -5.25
CA PHE B 257 11.92 -18.57 -6.54
C PHE B 257 10.88 -17.46 -6.73
N ASP B 258 11.04 -16.31 -6.06
CA ASP B 258 10.16 -15.13 -6.16
C ASP B 258 8.66 -15.45 -5.98
N GLY B 259 8.35 -16.20 -4.92
CA GLY B 259 6.96 -16.53 -4.59
C GLY B 259 6.38 -17.65 -5.43
N GLU B 260 7.22 -18.37 -6.17
CA GLU B 260 6.78 -19.51 -6.95
C GLU B 260 7.25 -20.78 -6.23
N ALA B 261 6.42 -21.30 -5.34
CA ALA B 261 6.76 -22.49 -4.56
C ALA B 261 6.79 -23.76 -5.45
N PRO B 262 7.72 -24.71 -5.17
CA PRO B 262 7.71 -25.98 -5.93
C PRO B 262 6.41 -26.76 -5.67
N LEU B 263 5.94 -27.56 -6.66
CA LEU B 263 4.73 -28.41 -6.56
C LEU B 263 3.39 -27.66 -6.42
N GLN B 264 3.39 -26.34 -6.13
CA GLN B 264 2.17 -25.54 -5.91
C GLN B 264 1.09 -25.74 -6.99
N SER B 265 1.51 -25.72 -8.27
CA SER B 265 0.64 -25.92 -9.43
C SER B 265 0.09 -27.35 -9.55
N ARG B 266 0.87 -28.37 -9.08
CA ARG B 266 0.53 -29.80 -9.12
C ARG B 266 -0.81 -30.15 -8.46
N SER B 267 -1.42 -31.26 -8.93
CA SER B 267 -2.70 -31.78 -8.43
C SER B 267 -2.53 -32.40 -7.02
N PRO B 268 -3.61 -32.53 -6.21
CA PRO B 268 -3.44 -33.15 -4.88
C PRO B 268 -2.81 -34.54 -4.90
N SER B 269 -3.24 -35.37 -5.88
CA SER B 269 -2.72 -36.72 -6.11
C SER B 269 -1.20 -36.69 -6.35
N GLU B 270 -0.73 -35.78 -7.24
CA GLU B 270 0.69 -35.58 -7.56
C GLU B 270 1.50 -35.14 -6.32
N LYS B 271 0.95 -34.20 -5.51
CA LYS B 271 1.61 -33.70 -4.29
C LYS B 271 1.76 -34.79 -3.24
N GLU B 272 0.69 -35.56 -3.01
CA GLU B 272 0.69 -36.65 -2.05
C GLU B 272 1.70 -37.75 -2.47
N HIS B 273 1.68 -38.11 -3.78
CA HIS B 273 2.59 -39.12 -4.36
C HIS B 273 4.04 -38.71 -4.17
N PHE B 274 4.35 -37.39 -4.34
CA PHE B 274 5.69 -36.83 -4.16
C PHE B 274 6.23 -37.12 -2.76
N TYR B 275 5.40 -36.94 -1.71
CA TYR B 275 5.74 -37.21 -0.30
C TYR B 275 5.74 -38.72 -0.01
N GLN B 276 4.76 -39.48 -0.53
CA GLN B 276 4.65 -40.94 -0.31
C GLN B 276 5.88 -41.65 -0.88
N ARG B 277 6.33 -41.21 -2.08
CA ARG B 277 7.53 -41.73 -2.74
C ARG B 277 8.84 -41.11 -2.18
N GLN B 278 8.73 -40.22 -1.14
CA GLN B 278 9.83 -39.54 -0.40
C GLN B 278 10.77 -38.66 -1.26
N HIS B 279 10.23 -38.13 -2.39
CA HIS B 279 10.98 -37.24 -3.27
C HIS B 279 11.38 -35.94 -2.56
N ARG B 280 12.52 -35.39 -2.93
CA ARG B 280 13.01 -34.18 -2.30
C ARG B 280 12.76 -32.94 -3.16
N LEU B 281 12.53 -31.81 -2.49
CA LEU B 281 12.23 -30.52 -3.13
C LEU B 281 13.45 -29.97 -3.88
N PRO B 282 13.27 -29.13 -4.92
CA PRO B 282 14.45 -28.61 -5.65
C PRO B 282 15.40 -27.79 -4.79
N GLU B 283 16.62 -27.65 -5.27
CA GLU B 283 17.64 -26.84 -4.60
C GLU B 283 17.32 -25.35 -4.93
N PRO B 284 17.64 -24.39 -4.05
CA PRO B 284 17.35 -22.99 -4.40
C PRO B 284 18.32 -22.46 -5.48
N SER B 285 17.89 -21.43 -6.23
CA SER B 285 18.69 -20.74 -7.25
C SER B 285 19.78 -19.92 -6.55
N CYS B 286 19.58 -19.60 -5.26
CA CYS B 286 20.53 -18.89 -4.40
C CYS B 286 21.47 -19.92 -3.75
N PRO B 287 22.79 -19.93 -4.07
CA PRO B 287 23.69 -20.94 -3.47
C PRO B 287 23.97 -20.75 -1.98
N GLN B 288 23.76 -19.52 -1.48
CA GLN B 288 23.95 -19.14 -0.07
C GLN B 288 22.95 -19.83 0.89
N LEU B 289 21.92 -20.51 0.33
CA LEU B 289 20.89 -21.18 1.12
C LEU B 289 20.70 -22.68 0.76
N ALA B 290 21.52 -23.23 -0.17
CA ALA B 290 21.43 -24.62 -0.63
C ALA B 290 21.60 -25.67 0.46
N THR B 291 22.63 -25.51 1.31
CA THR B 291 22.94 -26.42 2.42
C THR B 291 21.82 -26.37 3.46
N LEU B 292 21.46 -25.14 3.87
CA LEU B 292 20.41 -24.83 4.83
C LEU B 292 19.05 -25.46 4.46
N THR B 293 18.59 -25.27 3.20
CA THR B 293 17.33 -25.85 2.75
C THR B 293 17.42 -27.37 2.70
N SER B 294 18.57 -27.93 2.24
CA SER B 294 18.79 -29.37 2.22
C SER B 294 18.69 -29.97 3.64
N GLN B 295 19.27 -29.27 4.66
CA GLN B 295 19.22 -29.73 6.05
C GLN B 295 17.81 -29.66 6.64
N CYS B 296 17.06 -28.58 6.34
CA CYS B 296 15.70 -28.36 6.83
C CYS B 296 14.71 -29.27 6.14
N LEU B 297 14.90 -29.53 4.85
CA LEU B 297 13.94 -30.32 4.07
C LEU B 297 14.29 -31.84 3.99
N THR B 298 14.71 -32.40 5.14
CA THR B 298 14.94 -33.85 5.28
C THR B 298 13.64 -34.49 5.84
N TYR B 299 13.31 -35.71 5.38
CA TYR B 299 12.13 -36.44 5.85
C TYR B 299 12.27 -36.93 7.30
N GLU B 300 13.50 -36.96 7.84
CA GLU B 300 13.80 -37.33 9.23
C GLU B 300 13.73 -36.07 10.09
N PRO B 301 12.66 -35.90 10.91
CA PRO B 301 12.53 -34.67 11.71
C PRO B 301 13.68 -34.37 12.68
N THR B 302 14.27 -35.43 13.27
CA THR B 302 15.34 -35.30 14.27
C THR B 302 16.65 -34.81 13.66
N GLN B 303 16.83 -34.97 12.33
CA GLN B 303 18.02 -34.53 11.59
C GLN B 303 17.99 -33.03 11.22
N ARG B 304 16.83 -32.37 11.40
CA ARG B 304 16.68 -30.94 11.07
C ARG B 304 17.42 -30.06 12.09
N PRO B 305 18.19 -29.06 11.63
CA PRO B 305 18.94 -28.22 12.59
C PRO B 305 18.00 -27.37 13.46
N SER B 306 18.48 -26.96 14.64
CA SER B 306 17.70 -26.09 15.52
C SER B 306 17.73 -24.66 14.94
N PHE B 307 16.75 -23.81 15.33
CA PHE B 307 16.73 -22.42 14.85
C PHE B 307 17.88 -21.61 15.41
N ARG B 308 18.47 -22.03 16.53
CA ARG B 308 19.67 -21.43 17.14
C ARG B 308 20.82 -21.61 16.13
N THR B 309 20.96 -22.81 15.56
CA THR B 309 21.97 -23.16 14.55
C THR B 309 21.71 -22.41 13.24
N ILE B 310 20.45 -22.47 12.73
CA ILE B 310 20.00 -21.78 11.52
C ILE B 310 20.28 -20.27 11.62
N LEU B 311 19.89 -19.63 12.73
CA LEU B 311 20.08 -18.20 12.97
C LEU B 311 21.57 -17.83 13.01
N ARG B 312 22.42 -18.71 13.57
CA ARG B 312 23.87 -18.53 13.63
C ARG B 312 24.48 -18.65 12.22
N ASP B 313 24.08 -19.69 11.47
CA ASP B 313 24.55 -19.98 10.12
C ASP B 313 24.14 -18.91 9.09
N LEU B 314 23.04 -18.17 9.34
CA LEU B 314 22.57 -17.11 8.45
C LEU B 314 23.45 -15.88 8.49
N THR B 315 23.95 -15.51 9.71
CA THR B 315 24.93 -14.43 9.92
C THR B 315 26.26 -14.91 9.28
N14 KZJ C . -9.49 8.93 -10.89
C13 KZJ C . -8.60 7.94 -10.43
C18 KZJ C . -10.88 8.86 -10.49
C17 KZJ C . -6.99 8.77 -12.09
C16 KZJ C . -7.92 9.77 -12.46
C15 KZJ C . -9.13 9.84 -11.85
C20 KZJ C . -3.49 3.25 -8.35
C24 KZJ C . -3.68 11.60 -12.22
C11 KZJ C . -2.13 9.75 -11.67
C12 KZJ C . -7.29 7.88 -11.09
C27 KZJ C . -11.73 7.95 -11.09
C1 KZJ C . -4.64 5.53 -9.80
C2 KZJ C . -5.15 6.71 -10.38
N3 KZJ C . -4.45 7.71 -10.80
N4 KZJ C . -3.08 7.53 -10.63
C5 KZJ C . -2.47 6.42 -10.06
C6 KZJ C . -3.30 5.36 -9.60
N7 KZJ C . -6.52 6.81 -10.58
C8 KZJ C . -2.06 8.39 -11.06
C9 KZJ C . -0.92 7.72 -10.72
N10 KZJ C . -1.14 6.52 -10.11
N19 KZJ C . -2.74 4.33 -8.95
O21 KZJ C . -8.93 7.16 -9.53
N22 KZJ C . -3.38 10.22 -11.90
O23 KZJ C . -1.11 10.36 -11.93
C25 KZJ C . -4.77 12.27 -11.47
C26 KZJ C . -3.36 12.67 -11.24
C28 KZJ C . -13.08 7.91 -10.75
C29 KZJ C . -13.56 8.80 -9.79
C30 KZJ C . -12.70 9.71 -9.17
C31 KZJ C . -11.36 9.73 -9.51
C32 KZJ C . -14.98 8.79 -9.45
N33 KZJ C . -16.08 8.76 -9.20
H39 KZJ C . -6.07 8.72 -12.67
H38 KZJ C . -7.64 10.47 -13.24
H37 KZJ C . -9.84 10.62 -12.09
H41 KZJ C . -2.81 2.50 -7.95
H42 KZJ C . -4.12 2.75 -9.07
H43 KZJ C . -4.13 3.58 -7.53
H45 KZJ C . -3.62 11.80 -13.29
H50 KZJ C . -11.37 7.26 -11.86
H34 KZJ C . -5.33 4.74 -9.54
H35 KZJ C . -7.06 5.99 -10.34
H36 KZJ C . 0.11 8.06 -10.85
H40 KZJ C . -1.73 4.29 -8.86
H44 KZJ C . -4.19 9.62 -11.91
H47 KZJ C . -5.46 12.95 -11.96
H46 KZJ C . -5.34 11.74 -10.72
H48 KZJ C . -2.85 12.42 -10.31
H49 KZJ C . -3.01 13.66 -11.55
H51 KZJ C . -13.74 7.19 -11.21
H52 KZJ C . -13.09 10.41 -8.43
H53 KZJ C . -10.67 10.37 -8.96
S SO4 D . -20.95 24.42 -0.63
O1 SO4 D . -21.80 25.56 -1.03
O2 SO4 D . -21.59 23.61 0.40
O3 SO4 D . -20.77 23.57 -1.82
O4 SO4 D . -19.67 24.93 -0.12
N14 KZJ E . -4.44 -12.23 0.32
C13 KZJ E . -4.13 -10.91 0.71
C18 KZJ E . -4.47 -12.56 -1.08
C17 KZJ E . -4.80 -11.56 3.00
C16 KZJ E . -5.07 -12.87 2.52
C15 KZJ E . -4.87 -13.19 1.22
C20 KZJ E . -2.43 -4.44 3.69
C24 KZJ E . -3.25 -13.16 6.42
C11 KZJ E . -2.93 -10.88 7.32
C12 KZJ E . -4.32 -10.60 2.13
C27 KZJ E . -5.53 -12.13 -1.88
C1 KZJ E . -3.25 -7.27 3.59
C2 KZJ E . -3.51 -8.65 3.57
N3 KZJ E . -3.38 -9.47 4.57
N4 KZJ E . -2.97 -8.82 5.74
C5 KZJ E . -2.68 -7.48 5.88
C6 KZJ E . -2.79 -6.65 4.72
N7 KZJ E . -4.00 -9.25 2.40
C8 KZJ E . -2.81 -9.44 6.99
C9 KZJ E . -2.43 -8.41 7.79
N10 KZJ E . -2.36 -7.21 7.14
N19 KZJ E . -2.40 -5.37 4.80
O21 KZJ E . -3.76 -10.06 -0.11
N22 KZJ E . -3.07 -11.72 6.28
O23 KZJ E . -2.83 -11.26 8.50
C25 KZJ E . -2.85 -14.02 5.28
C26 KZJ E . -2.04 -14.02 6.51
C28 KZJ E . -5.52 -12.39 -3.24
C29 KZJ E . -4.48 -13.11 -3.81
C30 KZJ E . -3.42 -13.54 -3.00
C31 KZJ E . -3.41 -13.25 -1.65
C32 KZJ E . -4.47 -13.39 -5.22
N33 KZJ E . -4.49 -13.60 -6.34
H39 KZJ E . -5.04 -11.35 4.04
H38 KZJ E . -5.45 -13.62 3.22
H37 KZJ E . -5.03 -14.19 0.85
H41 KZJ E . -2.15 -3.44 4.03
H42 KZJ E . -3.43 -4.35 3.27
H43 KZJ E . -1.75 -4.73 2.89
H45 KZJ E . -4.15 -13.41 6.97
H50 KZJ E . -6.38 -11.60 -1.46
H34 KZJ E . -3.45 -6.69 2.69
H35 KZJ E . -4.15 -8.61 1.62
H36 KZJ E . -2.17 -8.47 8.85
H40 KZJ E . -2.05 -5.01 5.68
H44 KZJ E . -3.02 -11.41 5.31
H47 KZJ E . -3.46 -14.88 5.00
H46 KZJ E . -2.49 -13.57 4.35
H48 KZJ E . -1.05 -13.57 6.52
H49 KZJ E . -2.01 -14.88 7.17
H51 KZJ E . -6.33 -12.03 -3.86
H52 KZJ E . -2.60 -14.10 -3.44
H53 KZJ E . -2.55 -13.51 -1.04
S SO4 F . 8.73 1.18 3.22
O1 SO4 F . 8.08 2.42 3.68
O2 SO4 F . 7.99 0.11 3.81
O3 SO4 F . 8.67 1.10 1.77
O4 SO4 F . 10.12 1.10 3.67
S SO4 G . 6.54 -27.98 -10.10
O1 SO4 G . 7.68 -28.01 -9.19
O2 SO4 G . 5.55 -27.01 -9.62
O3 SO4 G . 5.93 -29.31 -10.16
O4 SO4 G . 6.96 -27.55 -11.44
#